data_6C9T
#
_entry.id   6C9T
#
_cell.length_a   59.008
_cell.length_b   59.008
_cell.length_c   108.402
_cell.angle_alpha   90.00
_cell.angle_beta   90.00
_cell.angle_gamma   90.00
#
_symmetry.space_group_name_H-M   'P 41'
#
loop_
_entity.id
_entity.type
_entity.pdbx_description
1 polymer CouR
2 water water
#
_entity_poly.entity_id   1
_entity_poly.type   'polypeptide(L)'
_entity_poly.pdbx_seq_one_letter_code
;SGSMTSSNRITSPAMTASKTAAVAKPTRAGRKAPAVETAPEASELKMGELSELLGYALKRAQLRVFEDFLHCVAPVQLTP
AQFSVLLLLDANPGRNQTEIATTLGILRPNFVAMLDALEGRGLCVRTRSPSDRRSHILMLTDKGRATLARAKKLVATRHE
DRLTELLGRDNRDALLSMLATIAREF
;
_entity_poly.pdbx_strand_id   A,B
#
# COMPACT_ATOMS: atom_id res chain seq x y z
N LEU A 45 -21.65 -5.50 0.43
CA LEU A 45 -21.78 -4.81 1.74
C LEU A 45 -21.75 -3.31 1.54
N LYS A 46 -22.45 -2.61 2.44
CA LYS A 46 -22.47 -1.15 2.47
C LYS A 46 -21.08 -0.58 2.85
N MET A 47 -20.34 -0.22 1.81
CA MET A 47 -19.02 0.33 1.92
C MET A 47 -18.98 1.77 2.47
N GLY A 48 -20.06 2.53 2.25
CA GLY A 48 -20.12 3.94 2.61
C GLY A 48 -19.03 4.83 2.02
N GLU A 49 -18.38 5.60 2.89
CA GLU A 49 -17.44 6.62 2.48
C GLU A 49 -16.20 6.00 1.82
N LEU A 50 -15.88 4.75 2.18
CA LEU A 50 -14.80 4.01 1.51
C LEU A 50 -14.86 4.11 0.00
N SER A 51 -16.06 3.93 -0.56
CA SER A 51 -16.28 4.05 -2.01
C SER A 51 -15.47 5.17 -2.69
N GLU A 52 -15.30 6.32 -2.03
CA GLU A 52 -14.68 7.49 -2.67
C GLU A 52 -13.55 8.14 -1.86
N LEU A 53 -13.00 7.43 -0.87
CA LEU A 53 -11.71 7.86 -0.24
C LEU A 53 -10.53 7.40 -1.05
N LEU A 54 -9.55 8.28 -1.26
CA LEU A 54 -8.37 7.97 -2.08
C LEU A 54 -7.36 7.01 -1.43
N GLY A 55 -7.26 7.04 -0.12
CA GLY A 55 -6.37 6.14 0.60
C GLY A 55 -6.79 4.69 0.44
N TYR A 56 -8.09 4.45 0.49
CA TYR A 56 -8.63 3.10 0.44
C TYR A 56 -8.37 2.54 -0.95
N ALA A 57 -8.71 3.30 -2.00
CA ALA A 57 -8.54 2.87 -3.37
C ALA A 57 -7.08 2.61 -3.71
N LEU A 58 -6.20 3.44 -3.17
CA LEU A 58 -4.78 3.34 -3.44
C LEU A 58 -4.21 2.10 -2.71
N LYS A 59 -4.72 1.76 -1.52
CA LYS A 59 -4.24 0.57 -0.85
C LYS A 59 -4.75 -0.72 -1.61
N ARG A 60 -6.01 -0.76 -2.08
CA ARG A 60 -6.51 -1.90 -2.90
C ARG A 60 -5.77 -2.10 -4.24
N ALA A 61 -5.61 -1.04 -5.00
CA ALA A 61 -4.78 -1.14 -6.20
C ALA A 61 -3.35 -1.53 -5.82
N GLN A 62 -2.76 -0.84 -4.86
CA GLN A 62 -1.46 -1.32 -4.37
C GLN A 62 -1.47 -2.81 -3.98
N LEU A 63 -2.40 -3.26 -3.16
CA LEU A 63 -2.33 -4.67 -2.73
C LEU A 63 -2.27 -5.64 -3.93
N ARG A 64 -3.07 -5.36 -4.95
CA ARG A 64 -3.23 -6.27 -6.11
C ARG A 64 -2.00 -6.21 -7.01
N VAL A 65 -1.44 -5.02 -7.20
CA VAL A 65 -0.16 -4.85 -7.91
C VAL A 65 0.96 -5.67 -7.25
N PHE A 66 1.11 -5.58 -5.93
CA PHE A 66 2.12 -6.41 -5.20
C PHE A 66 1.90 -7.93 -5.38
N GLU A 67 0.67 -8.38 -5.26
CA GLU A 67 0.32 -9.78 -5.47
C GLU A 67 0.78 -10.33 -6.84
N ASP A 68 0.43 -9.58 -7.89
CA ASP A 68 0.78 -9.88 -9.26
C ASP A 68 2.27 -9.82 -9.50
N PHE A 69 2.89 -8.79 -8.98
CA PHE A 69 4.33 -8.68 -9.07
C PHE A 69 4.95 -9.96 -8.47
N LEU A 70 4.52 -10.27 -7.25
CA LEU A 70 5.08 -11.39 -6.48
C LEU A 70 4.96 -12.69 -7.24
N HIS A 71 3.78 -12.96 -7.80
CA HIS A 71 3.59 -14.10 -8.75
C HIS A 71 4.60 -14.11 -9.94
N CYS A 72 4.68 -13.08 -10.76
CA CYS A 72 5.57 -13.08 -11.95
C CYS A 72 7.07 -13.11 -11.63
N VAL A 73 7.44 -12.44 -10.54
CA VAL A 73 8.81 -12.51 -10.07
C VAL A 73 9.05 -13.73 -9.14
N ALA A 74 8.03 -14.55 -8.85
CA ALA A 74 8.20 -15.77 -8.04
C ALA A 74 9.42 -16.65 -8.43
N PRO A 75 9.63 -16.91 -9.72
CA PRO A 75 10.86 -17.64 -10.04
C PRO A 75 12.21 -16.94 -9.74
N VAL A 76 12.21 -15.74 -9.16
CA VAL A 76 13.39 -15.25 -8.49
C VAL A 76 13.16 -14.84 -7.03
N GLN A 77 11.94 -15.03 -6.51
CA GLN A 77 11.65 -14.88 -5.07
C GLN A 77 12.04 -13.51 -4.51
N LEU A 78 11.73 -12.45 -5.25
CA LEU A 78 11.87 -11.09 -4.73
C LEU A 78 10.50 -10.44 -4.51
N THR A 79 10.34 -9.77 -3.36
CA THR A 79 9.27 -8.79 -3.18
C THR A 79 9.65 -7.60 -4.07
N PRO A 80 8.74 -6.62 -4.23
CA PRO A 80 9.07 -5.37 -4.97
C PRO A 80 10.10 -4.47 -4.29
N ALA A 81 10.07 -4.39 -2.95
CA ALA A 81 11.12 -3.74 -2.17
C ALA A 81 12.56 -4.29 -2.40
N GLN A 82 12.74 -5.60 -2.30
CA GLN A 82 14.05 -6.23 -2.55
C GLN A 82 14.48 -6.01 -3.98
N PHE A 83 13.54 -6.17 -4.92
CA PHE A 83 13.85 -5.93 -6.35
C PHE A 83 14.38 -4.51 -6.51
N SER A 84 13.67 -3.55 -5.89
CA SER A 84 13.98 -2.13 -5.91
C SER A 84 15.37 -1.82 -5.32
N VAL A 85 15.70 -2.54 -4.25
CA VAL A 85 16.97 -2.46 -3.52
C VAL A 85 18.16 -3.00 -4.30
N LEU A 86 17.96 -4.10 -5.03
CA LEU A 86 19.04 -4.62 -5.91
C LEU A 86 19.17 -3.70 -7.09
N LEU A 87 18.06 -3.15 -7.57
CA LEU A 87 18.10 -2.34 -8.76
C LEU A 87 18.88 -1.10 -8.41
N LEU A 88 18.45 -0.42 -7.34
CA LEU A 88 19.25 0.67 -6.80
C LEU A 88 20.72 0.30 -6.52
N LEU A 89 20.98 -0.83 -5.85
CA LEU A 89 22.37 -1.20 -5.53
C LEU A 89 23.22 -1.58 -6.75
N ASP A 90 22.57 -1.98 -7.84
CA ASP A 90 23.28 -2.21 -9.10
C ASP A 90 23.56 -0.89 -9.80
N ALA A 91 22.50 -0.09 -9.95
CA ALA A 91 22.59 1.18 -10.72
C ALA A 91 23.41 2.27 -10.03
N ASN A 92 23.85 2.02 -8.78
CA ASN A 92 24.59 2.98 -7.97
C ASN A 92 25.76 2.35 -7.28
N PRO A 93 26.72 1.87 -8.08
CA PRO A 93 27.95 1.36 -7.48
C PRO A 93 28.67 2.51 -6.77
N GLY A 94 29.04 2.27 -5.52
CA GLY A 94 29.75 3.24 -4.70
C GLY A 94 28.90 3.96 -3.67
N ARG A 95 27.58 4.05 -3.91
CA ARG A 95 26.68 4.81 -3.04
C ARG A 95 26.32 3.99 -1.77
N ASN A 96 26.37 4.67 -0.64
CA ASN A 96 26.40 4.00 0.66
C ASN A 96 25.01 3.61 1.15
N GLN A 97 25.00 2.66 2.08
CA GLN A 97 23.76 2.01 2.53
C GLN A 97 22.68 3.03 2.82
N THR A 98 23.08 4.09 3.54
CA THR A 98 22.14 5.06 4.09
C THR A 98 21.45 5.90 2.98
N GLU A 99 22.14 6.14 1.86
CA GLU A 99 21.55 6.78 0.69
C GLU A 99 20.43 5.92 0.05
N ILE A 100 20.55 4.59 0.08
CA ILE A 100 19.57 3.66 -0.56
C ILE A 100 18.28 3.63 0.25
N ALA A 101 18.41 3.36 1.56
CA ALA A 101 17.26 3.20 2.44
C ALA A 101 16.35 4.44 2.49
N THR A 102 16.93 5.64 2.60
CA THR A 102 16.18 6.87 2.68
C THR A 102 15.42 7.11 1.39
N THR A 103 16.07 6.87 0.26
CA THR A 103 15.43 6.99 -1.03
C THR A 103 14.18 6.04 -1.13
N LEU A 104 14.24 4.87 -0.53
CA LEU A 104 13.15 3.88 -0.65
C LEU A 104 12.20 3.95 0.53
N GLY A 105 12.46 4.88 1.46
CA GLY A 105 11.51 5.18 2.54
C GLY A 105 11.42 4.03 3.53
N ILE A 106 12.60 3.48 3.85
CA ILE A 106 12.77 2.36 4.76
C ILE A 106 13.56 2.77 6.02
N LEU A 107 13.00 2.51 7.20
CA LEU A 107 13.76 2.75 8.44
C LEU A 107 15.07 1.91 8.50
N ARG A 108 15.99 2.35 9.35
CA ARG A 108 17.33 1.80 9.37
C ARG A 108 17.40 0.33 9.81
N PRO A 109 16.66 -0.05 10.88
CA PRO A 109 16.68 -1.46 11.29
C PRO A 109 16.11 -2.37 10.18
N ASN A 110 14.86 -2.10 9.78
CA ASN A 110 14.22 -2.80 8.68
C ASN A 110 15.21 -3.02 7.52
N PHE A 111 15.86 -1.95 7.06
CA PHE A 111 16.82 -2.08 5.95
C PHE A 111 17.88 -3.17 6.23
N VAL A 112 18.52 -3.11 7.41
CA VAL A 112 19.52 -4.12 7.81
C VAL A 112 18.99 -5.56 7.67
N ALA A 113 17.76 -5.80 8.09
CA ALA A 113 17.15 -7.11 7.97
C ALA A 113 17.04 -7.59 6.53
N MET A 114 16.69 -6.69 5.60
CA MET A 114 16.58 -6.98 4.16
C MET A 114 17.92 -7.44 3.61
N LEU A 115 18.96 -6.72 4.02
CA LEU A 115 20.28 -6.92 3.46
C LEU A 115 20.86 -8.23 3.92
N ASP A 116 20.63 -8.53 5.19
CA ASP A 116 21.04 -9.81 5.78
C ASP A 116 20.51 -10.99 4.95
N ALA A 117 19.27 -10.88 4.45
CA ALA A 117 18.63 -11.93 3.65
C ALA A 117 19.29 -12.05 2.27
N LEU A 118 19.35 -10.92 1.57
CA LEU A 118 19.96 -10.82 0.28
C LEU A 118 21.39 -11.38 0.32
N GLU A 119 22.18 -10.88 1.27
CA GLU A 119 23.57 -11.28 1.45
C GLU A 119 23.66 -12.76 1.83
N GLY A 120 22.79 -13.20 2.74
CA GLY A 120 22.62 -14.62 3.03
C GLY A 120 22.27 -15.46 1.81
N ARG A 121 21.53 -14.86 0.86
CA ARG A 121 21.21 -15.54 -0.39
C ARG A 121 22.36 -15.54 -1.41
N GLY A 122 23.41 -14.77 -1.15
CA GLY A 122 24.55 -14.64 -2.08
C GLY A 122 24.39 -13.54 -3.11
N LEU A 123 23.34 -12.70 -2.95
CA LEU A 123 23.02 -11.65 -3.91
C LEU A 123 23.81 -10.35 -3.73
N CYS A 124 24.37 -10.13 -2.53
CA CYS A 124 25.27 -8.99 -2.27
C CYS A 124 26.30 -9.26 -1.16
N VAL A 125 27.23 -8.32 -1.01
CA VAL A 125 28.22 -8.36 0.06
C VAL A 125 28.52 -6.94 0.51
N ARG A 126 29.19 -6.83 1.67
CA ARG A 126 29.46 -5.55 2.32
C ARG A 126 30.97 -5.24 2.40
N ILE A 137 29.66 -0.12 2.54
CA ILE A 137 28.87 -0.03 1.33
C ILE A 137 28.67 -1.39 0.66
N LEU A 138 27.63 -1.47 -0.17
CA LEU A 138 27.05 -2.74 -0.63
C LEU A 138 27.34 -3.01 -2.11
N MET A 139 27.60 -4.27 -2.42
CA MET A 139 28.14 -4.68 -3.71
C MET A 139 27.40 -5.92 -4.21
N LEU A 140 26.51 -5.73 -5.20
CA LEU A 140 25.81 -6.83 -5.88
C LEU A 140 26.76 -7.85 -6.50
N THR A 141 26.50 -9.13 -6.22
CA THR A 141 27.33 -10.24 -6.67
C THR A 141 27.13 -10.55 -8.15
N ASP A 142 27.69 -11.66 -8.64
CA ASP A 142 27.35 -12.11 -9.99
C ASP A 142 25.90 -12.59 -10.02
N LYS A 143 25.58 -13.45 -9.07
CA LYS A 143 24.26 -14.01 -8.87
C LYS A 143 23.21 -12.96 -8.54
N GLY A 144 23.61 -11.94 -7.77
CA GLY A 144 22.80 -10.75 -7.60
C GLY A 144 22.53 -10.12 -8.95
N ARG A 145 23.58 -9.95 -9.75
CA ARG A 145 23.43 -9.34 -11.07
C ARG A 145 22.55 -10.13 -12.05
N ALA A 146 22.52 -11.45 -11.89
CA ALA A 146 21.71 -12.32 -12.77
C ALA A 146 20.26 -12.44 -12.30
N THR A 147 20.04 -12.45 -11.00
CA THR A 147 18.70 -12.39 -10.41
C THR A 147 17.98 -11.08 -10.76
N LEU A 148 18.72 -9.96 -10.71
CA LEU A 148 18.15 -8.68 -11.14
C LEU A 148 17.82 -8.64 -12.62
N ALA A 149 18.66 -9.27 -13.45
CA ALA A 149 18.47 -9.24 -14.90
C ALA A 149 17.24 -10.07 -15.31
N ARG A 150 17.15 -11.33 -14.84
CA ARG A 150 15.86 -12.11 -14.88
C ARG A 150 14.63 -11.35 -14.37
N ALA A 151 14.75 -10.75 -13.17
CA ALA A 151 13.64 -10.08 -12.52
C ALA A 151 13.15 -8.96 -13.40
N LYS A 152 14.11 -8.22 -13.95
CA LYS A 152 13.84 -7.05 -14.79
C LYS A 152 12.95 -7.42 -16.00
N LYS A 153 13.31 -8.48 -16.70
CA LYS A 153 12.50 -9.05 -17.81
C LYS A 153 11.11 -9.47 -17.37
N LEU A 154 11.06 -10.28 -16.31
CA LEU A 154 9.80 -10.68 -15.69
C LEU A 154 8.90 -9.53 -15.28
N VAL A 155 9.43 -8.52 -14.58
CA VAL A 155 8.59 -7.33 -14.26
C VAL A 155 8.17 -6.66 -15.58
N ALA A 156 9.10 -6.53 -16.53
CA ALA A 156 8.86 -5.76 -17.78
C ALA A 156 8.09 -6.51 -18.87
N THR A 157 8.06 -7.84 -18.84
CA THR A 157 7.41 -8.58 -19.93
C THR A 157 6.34 -9.57 -19.46
N ARG A 158 5.82 -9.40 -18.24
CA ARG A 158 4.73 -10.26 -17.72
C ARG A 158 3.72 -9.56 -16.75
N HIS A 159 3.79 -8.24 -16.63
CA HIS A 159 3.21 -7.53 -15.49
C HIS A 159 2.92 -6.02 -15.76
N GLU A 160 3.96 -5.18 -15.94
CA GLU A 160 3.77 -3.77 -16.27
C GLU A 160 3.10 -3.50 -17.64
N ASP A 161 3.49 -4.24 -18.67
CA ASP A 161 2.80 -4.06 -19.96
C ASP A 161 1.31 -4.49 -19.94
N ARG A 162 0.97 -5.48 -19.10
CA ARG A 162 -0.43 -5.90 -18.91
C ARG A 162 -1.20 -4.89 -18.05
N LEU A 163 -0.49 -4.03 -17.32
CA LEU A 163 -1.11 -2.91 -16.57
C LEU A 163 -1.48 -1.91 -17.63
N THR A 164 -0.49 -1.44 -18.38
CA THR A 164 -0.70 -0.48 -19.44
C THR A 164 -1.73 -0.98 -20.47
N GLU A 165 -1.69 -2.27 -20.78
CA GLU A 165 -2.65 -2.92 -21.66
C GLU A 165 -4.05 -2.86 -21.04
N LEU A 166 -4.18 -3.24 -19.76
CA LEU A 166 -5.46 -3.12 -19.06
C LEU A 166 -6.06 -1.72 -19.31
N LEU A 167 -5.30 -0.69 -18.93
CA LEU A 167 -5.85 0.68 -18.73
C LEU A 167 -5.76 1.60 -19.91
N GLY A 168 -4.81 1.35 -20.81
CA GLY A 168 -4.57 2.20 -21.96
C GLY A 168 -3.23 2.88 -21.84
N ARG A 169 -2.62 3.14 -23.00
CA ARG A 169 -1.32 3.82 -23.09
C ARG A 169 -1.33 5.30 -22.63
N ASP A 170 -2.46 5.96 -22.73
CA ASP A 170 -2.57 7.35 -22.25
C ASP A 170 -3.02 7.37 -20.79
N ASN A 171 -4.00 6.56 -20.45
CA ASN A 171 -4.51 6.47 -19.09
C ASN A 171 -3.49 6.03 -18.03
N ARG A 172 -2.63 5.08 -18.38
CA ARG A 172 -1.60 4.55 -17.47
C ARG A 172 -0.49 5.59 -17.22
N ASP A 173 0.00 6.24 -18.28
CA ASP A 173 0.97 7.33 -18.13
C ASP A 173 0.47 8.47 -17.23
N ALA A 174 -0.81 8.80 -17.37
CA ALA A 174 -1.46 9.85 -16.61
C ALA A 174 -1.51 9.52 -15.12
N LEU A 175 -1.79 8.25 -14.86
CA LEU A 175 -1.79 7.65 -13.55
C LEU A 175 -0.44 7.71 -12.85
N LEU A 176 0.60 7.29 -13.54
CA LEU A 176 1.96 7.39 -13.04
C LEU A 176 2.34 8.77 -12.60
N SER A 177 1.95 9.75 -13.41
CA SER A 177 2.33 11.15 -13.18
C SER A 177 1.54 11.70 -12.02
N MET A 178 0.23 11.44 -11.98
CA MET A 178 -0.59 11.88 -10.83
C MET A 178 -0.19 11.19 -9.51
N LEU A 179 0.06 9.89 -9.57
CA LEU A 179 0.64 9.14 -8.45
C LEU A 179 1.92 9.80 -8.01
N ALA A 180 2.86 10.05 -8.94
CA ALA A 180 4.12 10.71 -8.62
C ALA A 180 3.92 12.08 -7.98
N THR A 181 2.86 12.76 -8.37
CA THR A 181 2.52 14.07 -7.80
C THR A 181 2.10 13.96 -6.32
N ILE A 182 1.43 12.89 -5.92
CA ILE A 182 1.06 12.71 -4.50
C ILE A 182 2.27 12.36 -3.62
N ALA A 183 3.03 11.35 -4.01
CA ALA A 183 4.20 10.92 -3.25
C ALA A 183 5.14 12.11 -3.00
N ARG A 184 5.31 12.97 -4.02
CA ARG A 184 6.24 14.09 -3.95
C ARG A 184 5.67 15.21 -3.09
N GLU A 185 4.44 15.59 -3.38
CA GLU A 185 3.91 16.86 -2.89
C GLU A 185 3.02 16.74 -1.68
N PHE A 186 2.28 15.64 -1.59
CA PHE A 186 1.33 15.47 -0.50
C PHE A 186 2.07 15.14 0.79
N LEU B 45 21.43 10.01 -6.35
CA LEU B 45 21.28 8.56 -6.68
C LEU B 45 20.72 8.37 -8.10
N LYS B 46 21.21 7.36 -8.81
CA LYS B 46 20.57 6.89 -10.04
C LYS B 46 19.38 5.99 -9.71
N MET B 47 18.17 6.49 -9.95
CA MET B 47 16.94 5.76 -9.70
C MET B 47 16.64 4.76 -10.82
N GLY B 48 17.39 4.88 -11.93
CA GLY B 48 17.35 3.91 -13.00
C GLY B 48 15.94 3.58 -13.41
N GLU B 49 15.68 2.29 -13.57
CA GLU B 49 14.45 1.86 -14.18
C GLU B 49 13.25 1.75 -13.20
N LEU B 50 13.38 2.28 -11.97
CA LEU B 50 12.23 2.39 -11.04
C LEU B 50 11.27 3.55 -11.39
N SER B 51 11.83 4.57 -12.04
CA SER B 51 11.05 5.70 -12.52
C SER B 51 10.10 5.40 -13.69
N GLU B 52 10.15 4.16 -14.21
CA GLU B 52 9.40 3.71 -15.36
C GLU B 52 8.28 2.72 -14.99
N LEU B 53 8.10 2.50 -13.68
CA LEU B 53 7.28 1.43 -13.12
C LEU B 53 6.15 2.08 -12.37
N LEU B 54 4.92 1.81 -12.86
CA LEU B 54 3.71 2.32 -12.26
C LEU B 54 3.57 1.71 -10.92
N GLY B 55 4.05 0.48 -10.80
CA GLY B 55 4.08 -0.22 -9.56
C GLY B 55 4.74 0.61 -8.50
N TYR B 56 5.90 1.16 -8.84
CA TYR B 56 6.68 1.98 -7.92
C TYR B 56 5.94 3.23 -7.43
N ALA B 57 5.42 4.06 -8.34
CA ALA B 57 4.81 5.34 -8.00
C ALA B 57 3.54 5.20 -7.13
N LEU B 58 2.68 4.26 -7.55
CA LEU B 58 1.55 3.75 -6.78
C LEU B 58 1.93 3.36 -5.36
N LYS B 59 3.00 2.59 -5.21
CA LYS B 59 3.43 2.18 -3.88
C LYS B 59 3.94 3.43 -3.06
N ARG B 60 4.80 4.28 -3.63
CA ARG B 60 5.13 5.58 -2.96
C ARG B 60 3.96 6.55 -2.74
N ALA B 61 2.98 6.56 -3.64
CA ALA B 61 1.76 7.35 -3.41
C ALA B 61 0.96 6.78 -2.25
N GLN B 62 0.77 5.47 -2.27
CA GLN B 62 0.10 4.78 -1.18
C GLN B 62 0.75 5.06 0.22
N LEU B 63 2.09 5.07 0.25
CA LEU B 63 2.81 5.24 1.50
C LEU B 63 2.65 6.63 2.07
N ARG B 64 2.68 7.63 1.18
CA ARG B 64 2.60 9.04 1.57
C ARG B 64 1.24 9.35 2.11
N VAL B 65 0.21 8.84 1.44
CA VAL B 65 -1.19 9.03 1.81
C VAL B 65 -1.44 8.47 3.20
N PHE B 66 -1.00 7.22 3.41
CA PHE B 66 -0.98 6.59 4.73
C PHE B 66 -0.34 7.39 5.87
N GLU B 67 0.87 7.89 5.65
CA GLU B 67 1.58 8.69 6.67
C GLU B 67 0.86 9.97 7.05
N ASP B 68 0.17 10.56 6.08
CA ASP B 68 -0.62 11.74 6.29
C ASP B 68 -1.88 11.28 7.02
N PHE B 69 -2.60 10.30 6.46
CA PHE B 69 -3.78 9.77 7.14
C PHE B 69 -3.51 9.67 8.64
N LEU B 70 -2.46 8.92 8.96
CA LEU B 70 -2.07 8.61 10.33
C LEU B 70 -1.88 9.84 11.19
N HIS B 71 -1.17 10.82 10.62
CA HIS B 71 -0.89 12.09 11.27
C HIS B 71 -2.18 12.91 11.52
N CYS B 72 -3.10 12.89 10.56
CA CYS B 72 -4.40 13.51 10.76
C CYS B 72 -5.28 12.83 11.86
N VAL B 73 -5.36 11.50 11.85
CA VAL B 73 -6.26 10.70 12.73
C VAL B 73 -5.51 10.21 13.98
N ALA B 74 -4.34 10.78 14.25
CA ALA B 74 -3.67 10.63 15.52
C ALA B 74 -4.35 11.19 16.80
N PRO B 75 -5.37 12.05 16.71
CA PRO B 75 -6.05 12.34 17.98
C PRO B 75 -6.75 11.11 18.56
N VAL B 76 -7.14 10.20 17.67
CA VAL B 76 -7.86 8.96 18.01
C VAL B 76 -7.11 7.66 17.76
N GLN B 77 -5.84 7.71 17.30
CA GLN B 77 -4.99 6.52 17.07
C GLN B 77 -5.71 5.38 16.34
N LEU B 78 -6.27 5.69 15.17
CA LEU B 78 -6.68 4.65 14.24
C LEU B 78 -5.77 4.65 13.03
N THR B 79 -5.44 3.42 12.62
CA THR B 79 -4.70 3.16 11.40
C THR B 79 -5.74 3.13 10.32
N PRO B 80 -5.32 3.21 9.05
CA PRO B 80 -6.39 3.18 8.04
C PRO B 80 -7.26 1.91 8.06
N ALA B 81 -6.70 0.81 8.53
CA ALA B 81 -7.42 -0.47 8.56
C ALA B 81 -8.37 -0.53 9.70
N GLN B 82 -7.95 -0.09 10.88
CA GLN B 82 -8.89 0.00 12.01
C GLN B 82 -10.03 0.94 11.65
N PHE B 83 -9.69 2.06 11.02
CA PHE B 83 -10.70 2.97 10.49
C PHE B 83 -11.73 2.27 9.60
N SER B 84 -11.27 1.54 8.60
CA SER B 84 -12.17 0.88 7.61
C SER B 84 -12.98 -0.25 8.26
N VAL B 85 -12.40 -0.85 9.30
CA VAL B 85 -13.02 -1.92 10.03
C VAL B 85 -14.18 -1.36 10.88
N LEU B 86 -13.92 -0.32 11.69
CA LEU B 86 -15.00 0.29 12.49
C LEU B 86 -16.09 0.81 11.60
N LEU B 87 -15.73 1.45 10.48
CA LEU B 87 -16.68 2.01 9.48
C LEU B 87 -17.59 0.92 8.90
N LEU B 88 -16.98 -0.16 8.45
CA LEU B 88 -17.81 -1.27 7.96
C LEU B 88 -18.63 -2.03 8.99
N LEU B 89 -18.15 -2.20 10.22
CA LEU B 89 -19.00 -2.80 11.28
C LEU B 89 -20.19 -1.93 11.68
N ASP B 90 -20.05 -0.61 11.56
CA ASP B 90 -21.13 0.31 11.89
C ASP B 90 -22.22 0.26 10.79
N ALA B 91 -21.75 0.39 9.55
CA ALA B 91 -22.60 0.43 8.37
C ALA B 91 -23.20 -0.91 7.97
N ASN B 92 -22.70 -2.01 8.54
CA ASN B 92 -23.23 -3.36 8.30
C ASN B 92 -23.56 -4.17 9.57
N PRO B 93 -24.70 -3.86 10.20
CA PRO B 93 -25.20 -4.66 11.34
C PRO B 93 -25.86 -6.00 10.91
N GLY B 94 -25.52 -7.08 11.60
CA GLY B 94 -26.01 -8.43 11.25
C GLY B 94 -25.24 -9.15 10.15
N ARG B 95 -23.91 -9.01 10.16
CA ARG B 95 -23.00 -9.65 9.21
C ARG B 95 -21.69 -10.07 9.92
N ASN B 96 -21.34 -11.35 9.78
CA ASN B 96 -20.16 -11.92 10.42
C ASN B 96 -18.83 -11.32 9.90
N GLN B 97 -17.79 -11.58 10.70
CA GLN B 97 -16.38 -11.29 10.46
C GLN B 97 -15.84 -11.75 9.10
N THR B 98 -16.34 -12.90 8.66
CA THR B 98 -16.03 -13.47 7.35
C THR B 98 -16.11 -12.44 6.27
N GLU B 99 -17.22 -11.69 6.30
CA GLU B 99 -17.56 -10.75 5.26
C GLU B 99 -16.81 -9.43 5.38
N ILE B 100 -16.49 -8.97 6.58
CA ILE B 100 -15.75 -7.69 6.71
C ILE B 100 -14.34 -7.94 6.14
N ALA B 101 -13.63 -8.90 6.76
CA ALA B 101 -12.24 -9.24 6.39
C ALA B 101 -12.08 -9.40 4.89
N THR B 102 -12.79 -10.34 4.30
CA THR B 102 -12.61 -10.67 2.87
C THR B 102 -12.89 -9.48 1.93
N THR B 103 -13.79 -8.60 2.37
CA THR B 103 -14.16 -7.39 1.66
C THR B 103 -13.05 -6.34 1.69
N LEU B 104 -12.26 -6.29 2.76
CA LEU B 104 -11.17 -5.31 2.86
C LEU B 104 -9.84 -5.90 2.43
N GLY B 105 -9.87 -7.08 1.81
CA GLY B 105 -8.69 -7.86 1.55
C GLY B 105 -7.79 -8.03 2.76
N ILE B 106 -8.36 -8.50 3.87
CA ILE B 106 -7.56 -8.79 5.12
C ILE B 106 -7.63 -10.26 5.39
N LEU B 107 -6.51 -10.87 5.74
CA LEU B 107 -6.43 -12.31 5.99
C LEU B 107 -6.98 -12.67 7.36
N ARG B 108 -7.56 -13.85 7.45
CA ARG B 108 -8.33 -14.24 8.62
C ARG B 108 -7.55 -14.19 9.94
N PRO B 109 -6.32 -14.77 10.00
CA PRO B 109 -5.50 -14.56 11.21
C PRO B 109 -5.34 -13.08 11.53
N ASN B 110 -4.95 -12.30 10.54
CA ASN B 110 -4.69 -10.87 10.73
C ASN B 110 -5.93 -10.10 11.22
N PHE B 111 -7.10 -10.50 10.74
CA PHE B 111 -8.35 -9.85 11.09
C PHE B 111 -8.77 -10.12 12.54
N VAL B 112 -8.48 -11.33 12.98
CA VAL B 112 -8.80 -11.80 14.33
C VAL B 112 -7.88 -11.13 15.33
N ALA B 113 -6.64 -10.94 14.92
CA ALA B 113 -5.69 -10.12 15.67
C ALA B 113 -6.22 -8.72 15.87
N MET B 114 -6.65 -8.08 14.76
CA MET B 114 -7.19 -6.70 14.77
C MET B 114 -8.34 -6.48 15.74
N LEU B 115 -9.37 -7.31 15.60
CA LEU B 115 -10.56 -7.26 16.44
C LEU B 115 -10.25 -7.38 17.92
N ASP B 116 -9.47 -8.39 18.27
CA ASP B 116 -8.99 -8.56 19.64
C ASP B 116 -8.47 -7.24 20.29
N ALA B 117 -7.75 -6.40 19.53
CA ALA B 117 -7.25 -5.09 20.02
C ALA B 117 -8.26 -3.95 19.99
N LEU B 118 -9.14 -3.96 18.99
CA LEU B 118 -10.32 -3.11 18.96
C LEU B 118 -11.20 -3.38 20.18
N GLU B 119 -11.39 -4.66 20.48
CA GLU B 119 -12.08 -5.10 21.68
C GLU B 119 -11.31 -4.68 22.92
N GLY B 120 -10.00 -4.94 22.92
CA GLY B 120 -9.16 -4.56 24.01
C GLY B 120 -9.27 -3.07 24.34
N ARG B 121 -9.40 -2.25 23.32
CA ARG B 121 -9.50 -0.80 23.51
C ARG B 121 -10.89 -0.32 23.84
N GLY B 122 -11.89 -1.19 23.66
CA GLY B 122 -13.24 -0.95 24.08
C GLY B 122 -14.13 -0.37 23.01
N LEU B 123 -13.69 -0.45 21.74
CA LEU B 123 -14.38 0.14 20.58
C LEU B 123 -15.35 -0.85 19.93
N CYS B 124 -15.20 -2.14 20.19
CA CYS B 124 -16.26 -3.06 19.80
C CYS B 124 -16.48 -4.11 20.83
N VAL B 125 -17.59 -4.80 20.65
CA VAL B 125 -18.02 -5.92 21.47
C VAL B 125 -18.73 -6.92 20.55
N ARG B 126 -18.82 -8.16 21.00
CA ARG B 126 -19.68 -9.14 20.38
C ARG B 126 -21.06 -9.05 21.03
N THR B 127 -22.06 -9.35 20.25
CA THR B 127 -23.43 -9.43 20.75
C THR B 127 -23.58 -10.49 21.87
N ARG B 128 -24.57 -10.29 22.74
CA ARG B 128 -24.84 -11.11 23.92
C ARG B 128 -26.18 -11.82 23.68
N SER B 129 -26.47 -13.05 24.14
CA SER B 129 -25.65 -13.89 25.05
C SER B 129 -25.42 -13.25 26.40
N SER B 135 -20.08 -15.15 20.22
CA SER B 135 -20.73 -14.66 19.02
C SER B 135 -19.71 -14.23 17.95
N HIS B 136 -20.15 -14.19 16.70
CA HIS B 136 -19.27 -13.83 15.55
C HIS B 136 -19.71 -12.60 14.81
N ILE B 137 -20.76 -11.98 15.33
CA ILE B 137 -21.26 -10.71 14.92
C ILE B 137 -20.75 -9.79 16.00
N LEU B 138 -20.10 -8.72 15.56
CA LEU B 138 -19.63 -7.67 16.40
C LEU B 138 -20.61 -6.55 16.28
N MET B 139 -20.56 -5.68 17.28
CA MET B 139 -21.26 -4.42 17.29
C MET B 139 -20.26 -3.41 17.82
N LEU B 140 -20.29 -2.19 17.32
CA LEU B 140 -19.51 -1.16 17.99
C LEU B 140 -20.17 -0.84 19.33
N THR B 141 -19.44 -0.08 20.13
CA THR B 141 -19.92 0.48 21.38
C THR B 141 -20.15 1.94 21.12
N ASP B 142 -20.65 2.64 22.13
CA ASP B 142 -20.83 4.10 22.01
C ASP B 142 -19.47 4.74 21.80
N LYS B 143 -18.45 4.31 22.52
CA LYS B 143 -17.09 4.86 22.26
C LYS B 143 -16.62 4.59 20.82
N GLY B 144 -16.90 3.39 20.30
CA GLY B 144 -16.59 3.05 18.90
C GLY B 144 -17.13 4.02 17.86
N ARG B 145 -18.41 4.36 18.00
CA ARG B 145 -19.09 5.35 17.13
C ARG B 145 -18.55 6.77 17.31
N ALA B 146 -18.22 7.13 18.53
CA ALA B 146 -17.55 8.41 18.82
C ALA B 146 -16.13 8.48 18.22
N THR B 147 -15.38 7.37 18.34
CA THR B 147 -14.07 7.25 17.66
C THR B 147 -14.18 7.31 16.11
N LEU B 148 -15.17 6.61 15.56
CA LEU B 148 -15.47 6.63 14.12
C LEU B 148 -15.97 7.97 13.58
N ALA B 149 -16.91 8.58 14.31
CA ALA B 149 -17.42 9.89 13.94
C ALA B 149 -16.29 10.94 14.00
N ARG B 150 -15.54 10.98 15.11
CA ARG B 150 -14.33 11.86 15.23
C ARG B 150 -13.30 11.69 14.13
N ALA B 151 -13.18 10.44 13.65
CA ALA B 151 -12.22 10.06 12.61
C ALA B 151 -12.69 10.38 11.20
N LYS B 152 -13.98 10.17 10.87
CA LYS B 152 -14.54 10.64 9.59
C LYS B 152 -14.40 12.18 9.46
N LYS B 153 -14.67 12.86 10.56
CA LYS B 153 -14.37 14.31 10.72
C LYS B 153 -12.97 14.70 10.35
N LEU B 154 -11.97 14.09 11.01
CA LEU B 154 -10.56 14.40 10.76
C LEU B 154 -10.15 14.02 9.35
N VAL B 155 -10.51 12.79 8.96
CA VAL B 155 -10.30 12.26 7.59
C VAL B 155 -10.85 13.19 6.51
N ALA B 156 -12.07 13.68 6.69
CA ALA B 156 -12.69 14.49 5.65
C ALA B 156 -12.08 15.89 5.62
N THR B 157 -11.85 16.47 6.81
CA THR B 157 -11.39 17.86 6.90
C THR B 157 -9.94 18.09 6.43
N ARG B 158 -8.96 17.78 7.26
CA ARG B 158 -7.57 18.06 6.91
C ARG B 158 -7.06 17.20 5.76
N HIS B 159 -7.32 15.89 5.84
CA HIS B 159 -6.69 14.88 4.99
C HIS B 159 -7.27 14.88 3.57
N GLU B 160 -8.50 14.35 3.39
CA GLU B 160 -9.06 14.14 2.05
C GLU B 160 -9.20 15.44 1.24
N ASP B 161 -9.63 16.53 1.85
CA ASP B 161 -9.83 17.78 1.10
C ASP B 161 -8.51 18.29 0.53
N ARG B 162 -7.51 18.42 1.41
CA ARG B 162 -6.16 18.85 1.03
C ARG B 162 -5.57 18.02 -0.09
N LEU B 163 -5.76 16.71 0.03
CA LEU B 163 -5.42 15.77 -1.03
C LEU B 163 -6.16 16.19 -2.29
N THR B 164 -7.48 16.41 -2.19
CA THR B 164 -8.33 16.76 -3.37
C THR B 164 -7.94 18.05 -4.10
N GLU B 165 -7.71 19.11 -3.32
CA GLU B 165 -7.24 20.39 -3.86
C GLU B 165 -5.96 20.25 -4.66
N LEU B 166 -5.05 19.44 -4.11
CA LEU B 166 -3.74 19.14 -4.74
C LEU B 166 -3.85 18.69 -6.21
N LEU B 167 -4.88 17.91 -6.50
CA LEU B 167 -5.11 17.38 -7.85
C LEU B 167 -6.33 17.98 -8.57
N GLY B 168 -7.29 18.49 -7.81
CA GLY B 168 -8.59 18.90 -8.34
C GLY B 168 -9.55 17.71 -8.45
N ARG B 169 -10.83 18.02 -8.64
CA ARG B 169 -11.90 17.00 -8.66
C ARG B 169 -11.73 16.04 -9.83
N ASP B 170 -11.68 16.63 -11.03
CA ASP B 170 -11.56 15.92 -12.29
C ASP B 170 -10.48 14.85 -12.28
N ASN B 171 -9.32 15.18 -11.71
CA ASN B 171 -8.21 14.22 -11.61
C ASN B 171 -8.36 13.26 -10.40
N ARG B 172 -8.78 13.75 -9.24
CA ARG B 172 -9.15 12.85 -8.12
C ARG B 172 -10.14 11.79 -8.60
N ASP B 173 -11.18 12.26 -9.30
CA ASP B 173 -12.21 11.39 -9.89
C ASP B 173 -11.61 10.46 -10.94
N ALA B 174 -10.69 10.98 -11.76
CA ALA B 174 -9.92 10.15 -12.70
C ALA B 174 -9.15 9.02 -11.97
N LEU B 175 -8.52 9.38 -10.86
CA LEU B 175 -7.63 8.51 -10.10
C LEU B 175 -8.37 7.43 -9.34
N LEU B 176 -9.45 7.81 -8.69
CA LEU B 176 -10.38 6.83 -8.11
C LEU B 176 -10.84 5.80 -9.13
N SER B 177 -11.03 6.23 -10.37
CA SER B 177 -11.46 5.33 -11.45
C SER B 177 -10.40 4.34 -11.87
N MET B 178 -9.19 4.81 -12.16
CA MET B 178 -8.21 3.92 -12.72
C MET B 178 -7.53 3.08 -11.65
N LEU B 179 -7.64 3.53 -10.39
CA LEU B 179 -7.27 2.67 -9.26
C LEU B 179 -8.32 1.57 -9.02
N ALA B 180 -9.61 1.93 -9.05
CA ALA B 180 -10.66 0.91 -8.90
C ALA B 180 -10.65 -0.12 -10.01
N THR B 181 -10.37 0.31 -11.24
CA THR B 181 -10.22 -0.64 -12.35
C THR B 181 -9.09 -1.64 -12.09
N ILE B 182 -8.02 -1.18 -11.44
CA ILE B 182 -6.90 -2.04 -11.15
C ILE B 182 -7.21 -3.12 -10.12
N ALA B 183 -7.75 -2.75 -8.97
CA ALA B 183 -8.08 -3.72 -7.92
C ALA B 183 -9.12 -4.74 -8.35
N ARG B 184 -10.00 -4.35 -9.27
CA ARG B 184 -11.11 -5.18 -9.69
C ARG B 184 -10.65 -6.11 -10.82
N GLU B 185 -9.85 -5.59 -11.75
CA GLU B 185 -9.50 -6.27 -13.01
C GLU B 185 -8.03 -6.79 -13.11
N PHE B 186 -7.07 -6.23 -12.35
CA PHE B 186 -5.71 -6.80 -12.35
C PHE B 186 -5.64 -8.04 -11.44
#